data_6W3M
#
_entry.id   6W3M
#
_entity_poly.entity_id   1
_entity_poly.type   'polyribonucleotide'
_entity_poly.pdbx_seq_one_letter_code
;GGUUUGUUUGAAUAGAGAGCAGAUCUCUGGAAAAAUGAACC
;
_entity_poly.pdbx_strand_id   A
#